data_7V0X
#
_entry.id   7V0X
#
_cell.length_a   1.00
_cell.length_b   1.00
_cell.length_c   1.00
_cell.angle_alpha   90.00
_cell.angle_beta   90.00
_cell.angle_gamma   90.00
#
_symmetry.space_group_name_H-M   'P 1'
#
_entity_poly.entity_id   1
_entity_poly.type   'polypeptide(L)'
_entity_poly.pdbx_seq_one_letter_code
;MPYSVGFREADAATSFLRAARSGNLDKALDHLRNGVDINTCNQNGLNGLHLASKEGHVKMVVELLHKEIILETTTKKGNT
ALHIAALAGQDEVVRELVNYGANVNAQSQKGFTPLYMAAQENHLEVVKFLLENGANQNVATEDGFTPLAVALQQGHENVV
AHLINYGTKGKVRLPALHIAARNDDTRTAAVLLQNDPNPDVLSKTGFTPLHIAAHYENLNVAQLLLNRGASVNFTPQNGI
TPLHIASRRGNVIMVRLLLDRGAQIETKTKDELTPLHCAARNGHVRISEILLDHGAPIQAKTKNGLSPIHMAAQGDHLDC
VRLLLQYDAEIDDITLDHLTPLHVAAHCGHHRVAKVLLDKGAKPNSRALNGFTPLHIACKKNHVRVMELLLKTGASIDAV
TESGLTPLHVASFMGHLPIVKNLLQRGASPNVSNVKVETPLHMAARAGHTEVAKYLLQNKAKVNAKAKDDQTPLHCAARI
GHTNMVKLLLENNANPNLATTAGHTPLHIAAREGHVETVLALLEKEASQACMTKKGFTPLHVAAKYGKVRVAELLLERDA
HPNAAGKNGLTPLHVAVHHNNLDIVKLLLPRGGSPHSPAWNGYTPLHIAAKQNQVEVARSLLQYGGSANAESVQGVTPLH
LAAQEGHAEMVALLLSKQANGNLGNKSGLTPLHLVAQEGHVPVADVLIKHGVMVDATTRMGYTPLHVASHYGNIKLVKFL
LQHQADVNAKTKLGYSPLHQAAQQGHTDIVTLLLKNGASPNEVSSDGTTPLAIAKRLGYISVTDVLKVVTDETSFVLVSD
KHRMSFPETVDEILDVSEDEGEELISFKAERRDSRDVDEEKELLDFVPKLDQVVESPAIPRIPCAMPETVVIRSEEQEQA
SKEYDEDSLIPSSPATETSDNISPVASPVHTGFLVSFMVDARGGSMRGSRHNGLRVVIPPRTCAAPTRITCRLVKPQKLS
TPPPLAEEEGLASRIIALGPTGAQFLSPVIVEIPHFASHGRGDRELVVLRSENGSVWKEHRSRYGESYLDQILNGMDEEL
GSLEELEKKRVCRIITTDFPLYFVIMSRLCQDYDTIGPEGGSLKSKLVPLVQATFPENAVTKRVKLALQAQPVPDELVTK
LLGNQATFSPIVTVEPRRRKFHRPIGLRIPLPPSWTDNPRDSGEGDTTSLRLLCSVIGGTDQAQWEDITGTTKLVYANEC
ANFTTNVSARFWLSDCPRTAEAVNFATLLYKELTAVPYMAKFVIFAKMNDPREGRLRCYCMTDDKVDKTLEQHENFVEVA
RSRDIEVLEGMSLFAELSGNLVPVKKAAQQRSFHFQSFRENRLAMPVKVRDSSREPGGSLSFLRKAMKYEDTQHILCHLN
ITMPPCAKGSGAEDRRRTPTPLALRYSILSESTPGSLSGTEQAEMKMAVISEHLGLSWAELARELQFSVEDINRIRVENP
NSLLEQSVALLNLWVIREGQNANMENLYTALQSIDRGEIVNMLEGSGRQSRNLKPDRRHTDRDYSLSPSQMNGYSSLQDE
LLSPASLGCALSSPLRADQYWNEVAVLDAIPLAATEHDTMLEMSDMQVWSAGLTPSLVTAEDSSLECSKAEDSDATGHEW
KLEGALSEEPRGPELGSLELVEDDTVDSDATNGLIDLLEQEEGQRSEEKLPGSKRQDDATGAGQDSENEVSLVSGHQRGQ
ARITHSPTVSQVTERSQDRLQDWDADGSIVSYLQDAAQGSWQEEVTQGPHSFQGTSTMTEGLEPGGSQEYEKVLVSVSEH
TWTEQPEAESSQADRDRRQQGQEEQVQEAKNTFTQVVQGNEFQNIPGEQVTEEQFTDEQGNIVTKKIIRKVVRQIDLSSA
DAAQEHEEVTVEGPLEDPSELEVDIDYFMKHSKDHTSTPNP
;
_entity_poly.pdbx_strand_id   J
#
# COMPACT_ATOMS: atom_id res chain seq x y z
N LYS A 436 30.00 -8.63 23.30
CA LYS A 436 29.45 -9.06 22.02
C LYS A 436 30.55 -9.35 21.02
N VAL A 437 31.51 -10.18 21.43
CA VAL A 437 32.71 -10.51 20.66
C VAL A 437 33.38 -9.22 20.21
N GLU A 438 33.53 -8.27 21.14
CA GLU A 438 34.01 -6.95 20.83
C GLU A 438 35.52 -6.90 20.97
N THR A 439 36.21 -6.63 19.86
CA THR A 439 37.64 -6.35 19.90
C THR A 439 37.87 -4.92 20.37
N PRO A 440 39.07 -4.60 20.84
CA PRO A 440 39.37 -3.19 21.17
C PRO A 440 39.21 -2.26 19.99
N LEU A 441 39.46 -2.74 18.77
CA LEU A 441 39.23 -1.93 17.59
C LEU A 441 37.75 -1.60 17.42
N HIS A 442 36.87 -2.55 17.73
CA HIS A 442 35.44 -2.28 17.70
C HIS A 442 35.06 -1.20 18.71
N MET A 443 35.61 -1.28 19.92
CA MET A 443 35.30 -0.29 20.94
C MET A 443 35.82 1.09 20.56
N ALA A 444 36.98 1.15 19.92
CA ALA A 444 37.47 2.42 19.40
C ALA A 444 36.57 2.94 18.28
N ALA A 445 36.06 2.03 17.45
CA ALA A 445 35.19 2.43 16.34
C ALA A 445 33.87 3.01 16.85
N ARG A 446 33.29 2.42 17.88
CA ARG A 446 32.01 2.91 18.40
C ARG A 446 32.17 4.31 19.00
N ALA A 447 33.28 4.56 19.71
CA ALA A 447 33.46 5.85 20.35
C ALA A 447 34.03 6.88 19.38
N GLY A 448 35.06 6.51 18.63
CA GLY A 448 35.58 7.39 17.59
C GLY A 448 36.99 7.91 17.80
N HIS A 449 37.74 7.38 18.75
CA HIS A 449 39.14 7.78 18.91
C HIS A 449 39.95 7.18 17.77
N THR A 450 40.31 8.05 16.82
CA THR A 450 41.03 7.59 15.63
C THR A 450 42.50 7.30 15.95
N GLU A 451 43.04 7.90 17.02
CA GLU A 451 44.44 7.67 17.36
C GLU A 451 44.64 6.30 18.00
N VAL A 452 43.73 5.90 18.88
CA VAL A 452 43.82 4.58 19.50
C VAL A 452 43.67 3.49 18.45
N ALA A 453 42.70 3.65 17.54
CA ALA A 453 42.54 2.69 16.46
C ALA A 453 43.72 2.72 15.51
N LYS A 454 44.31 3.89 15.30
CA LYS A 454 45.53 3.98 14.48
C LYS A 454 46.66 3.16 15.08
N TYR A 455 46.86 3.28 16.40
CA TYR A 455 47.93 2.53 17.05
C TYR A 455 47.63 1.03 17.06
N LEU A 456 46.37 0.66 17.29
CA LEU A 456 45.99 -0.74 17.29
C LEU A 456 46.19 -1.36 15.91
N LEU A 457 45.80 -0.64 14.86
CA LEU A 457 45.98 -1.12 13.49
C LEU A 457 47.46 -1.14 13.13
N GLN A 458 48.25 -0.25 13.71
CA GLN A 458 49.69 -0.27 13.50
C GLN A 458 50.31 -1.53 14.05
N ASN A 459 50.02 -1.86 15.31
CA ASN A 459 50.67 -3.04 15.87
C ASN A 459 49.96 -4.34 15.48
N LYS A 460 48.74 -4.55 15.98
CA LYS A 460 48.04 -5.84 15.85
C LYS A 460 46.54 -5.60 15.99
N ALA A 461 45.83 -5.59 14.85
CA ALA A 461 44.37 -5.52 14.84
C ALA A 461 43.87 -5.89 13.45
N LYS A 462 42.90 -6.81 13.40
CA LYS A 462 42.26 -7.17 12.14
C LYS A 462 41.20 -6.12 11.79
N VAL A 463 41.40 -5.45 10.64
CA VAL A 463 40.50 -4.38 10.25
C VAL A 463 39.12 -4.93 9.89
N ASN A 464 39.09 -6.09 9.25
CA ASN A 464 37.84 -6.75 8.89
C ASN A 464 37.40 -7.79 9.91
N ALA A 465 37.76 -7.60 11.18
CA ALA A 465 37.35 -8.53 12.21
C ALA A 465 35.85 -8.44 12.44
N LYS A 466 35.20 -9.60 12.55
CA LYS A 466 33.76 -9.64 12.73
C LYS A 466 33.40 -9.90 14.19
N ALA A 467 32.25 -9.38 14.58
CA ALA A 467 31.77 -9.46 15.96
C ALA A 467 30.37 -10.07 15.96
N LYS A 468 29.71 -10.00 17.12
CA LYS A 468 28.34 -10.45 17.21
C LYS A 468 27.46 -9.60 16.28
N ASP A 469 26.49 -10.27 15.64
CA ASP A 469 25.67 -9.75 14.55
C ASP A 469 26.52 -9.44 13.33
N ASP A 470 27.71 -10.02 13.24
CA ASP A 470 28.57 -9.95 12.04
C ASP A 470 28.94 -8.51 11.70
N GLN A 471 29.38 -7.77 12.71
CA GLN A 471 29.66 -6.34 12.58
C GLN A 471 31.16 -6.10 12.53
N THR A 472 31.61 -5.40 11.50
CA THR A 472 33.00 -4.96 11.40
C THR A 472 33.17 -3.61 12.10
N PRO A 473 34.40 -3.22 12.42
CA PRO A 473 34.60 -1.85 12.95
C PRO A 473 34.18 -0.77 11.96
N LEU A 474 34.17 -1.08 10.66
CA LEU A 474 33.65 -0.13 9.68
C LEU A 474 32.17 0.14 9.91
N HIS A 475 31.40 -0.91 10.25
CA HIS A 475 29.99 -0.72 10.56
C HIS A 475 29.80 0.21 11.76
N CYS A 476 30.59 0.00 12.82
CA CYS A 476 30.44 0.81 14.02
C CYS A 476 30.88 2.24 13.77
N ALA A 477 31.92 2.44 12.95
CA ALA A 477 32.36 3.79 12.64
C ALA A 477 31.36 4.50 11.73
N ALA A 478 30.70 3.76 10.84
CA ALA A 478 29.74 4.37 9.93
C ALA A 478 28.42 4.69 10.64
N ARG A 479 28.08 3.90 11.67
CA ARG A 479 26.86 4.19 12.43
C ARG A 479 26.94 5.54 13.13
N ILE A 480 28.08 5.84 13.76
CA ILE A 480 28.21 7.11 14.48
C ILE A 480 28.52 8.24 13.51
N GLY A 481 28.98 7.91 12.31
CA GLY A 481 29.27 8.91 11.31
C GLY A 481 30.60 9.62 11.44
N HIS A 482 31.53 9.07 12.21
CA HIS A 482 32.87 9.65 12.31
C HIS A 482 33.59 9.43 10.98
N THR A 483 33.73 10.51 10.20
CA THR A 483 34.24 10.38 8.84
C THR A 483 35.71 10.00 8.80
N ASN A 484 36.55 10.71 9.57
CA ASN A 484 37.99 10.52 9.48
C ASN A 484 38.40 9.12 9.89
N MET A 485 37.78 8.58 10.95
CA MET A 485 38.09 7.22 11.38
C MET A 485 37.65 6.22 10.32
N VAL A 486 36.53 6.49 9.64
CA VAL A 486 36.09 5.66 8.53
C VAL A 486 37.13 5.66 7.41
N LYS A 487 37.67 6.83 7.07
CA LYS A 487 38.71 6.89 6.06
C LYS A 487 39.96 6.12 6.48
N LEU A 488 40.34 6.24 7.76
CA LEU A 488 41.51 5.50 8.25
C LEU A 488 41.30 3.98 8.13
N LEU A 489 40.17 3.49 8.64
CA LEU A 489 39.88 2.05 8.57
C LEU A 489 39.84 1.57 7.13
N LEU A 490 39.15 2.31 6.26
CA LEU A 490 39.04 1.92 4.87
C LEU A 490 40.39 1.97 4.17
N GLU A 491 41.25 2.92 4.56
CA GLU A 491 42.56 3.04 3.94
C GLU A 491 43.46 1.89 4.33
N ASN A 492 43.33 1.38 5.56
CA ASN A 492 44.27 0.36 5.99
C ASN A 492 43.94 -1.00 5.36
N ASN A 493 42.82 -1.61 5.74
CA ASN A 493 42.44 -2.86 5.07
C ASN A 493 40.93 -3.10 4.97
N ALA A 494 40.11 -2.16 5.43
CA ALA A 494 38.68 -2.44 5.57
C ALA A 494 38.00 -2.60 4.21
N ASN A 495 37.12 -3.59 4.12
CA ASN A 495 36.38 -3.88 2.89
C ASN A 495 34.94 -3.44 3.07
N PRO A 496 34.44 -2.50 2.25
CA PRO A 496 33.06 -2.01 2.44
C PRO A 496 32.00 -3.07 2.20
N ASN A 497 32.29 -4.09 1.37
CA ASN A 497 31.25 -5.01 0.94
C ASN A 497 30.88 -6.02 2.02
N LEU A 498 31.60 -6.05 3.13
CA LEU A 498 31.23 -6.94 4.24
C LEU A 498 29.90 -6.51 4.83
N ALA A 499 29.03 -7.48 5.10
CA ALA A 499 27.68 -7.23 5.54
C ALA A 499 27.35 -8.02 6.80
N THR A 500 26.37 -7.53 7.55
CA THR A 500 25.94 -8.16 8.78
C THR A 500 25.00 -9.33 8.49
N THR A 501 24.48 -9.94 9.56
CA THR A 501 23.51 -11.01 9.41
C THR A 501 22.21 -10.50 8.79
N ALA A 502 21.88 -9.23 9.02
CA ALA A 502 20.72 -8.62 8.37
C ALA A 502 21.03 -8.13 6.96
N GLY A 503 22.27 -8.24 6.51
CA GLY A 503 22.63 -7.82 5.17
C GLY A 503 23.05 -6.38 5.04
N HIS A 504 23.32 -5.69 6.14
CA HIS A 504 23.63 -4.27 6.12
C HIS A 504 25.13 -4.06 5.98
N THR A 505 25.55 -3.50 4.86
CA THR A 505 26.90 -3.01 4.67
C THR A 505 27.05 -1.67 5.40
N PRO A 506 28.29 -1.20 5.62
CA PRO A 506 28.46 0.13 6.22
C PRO A 506 27.79 1.23 5.42
N LEU A 507 27.68 1.07 4.10
CA LEU A 507 26.92 2.02 3.29
C LEU A 507 25.46 2.06 3.71
N HIS A 508 24.88 0.89 4.02
CA HIS A 508 23.49 0.85 4.46
C HIS A 508 23.29 1.60 5.77
N ILE A 509 24.19 1.40 6.73
CA ILE A 509 24.07 2.10 8.01
C ILE A 509 24.26 3.60 7.82
N ALA A 510 25.26 3.99 7.03
CA ALA A 510 25.50 5.42 6.81
C ALA A 510 24.33 6.07 6.09
N ALA A 511 23.66 5.34 5.20
CA ALA A 511 22.46 5.85 4.56
C ALA A 511 21.30 5.93 5.55
N ARG A 512 21.25 4.99 6.50
CA ARG A 512 20.20 5.01 7.51
C ARG A 512 20.32 6.23 8.41
N GLU A 513 21.53 6.56 8.84
CA GLU A 513 21.72 7.70 9.73
C GLU A 513 22.03 8.99 8.99
N GLY A 514 22.02 8.98 7.65
CA GLY A 514 22.18 10.21 6.89
C GLY A 514 23.54 10.86 7.01
N HIS A 515 24.61 10.07 7.00
CA HIS A 515 25.96 10.59 7.11
C HIS A 515 26.53 10.76 5.71
N VAL A 516 26.45 12.00 5.20
CA VAL A 516 26.82 12.27 3.81
C VAL A 516 28.32 12.09 3.61
N GLU A 517 29.12 12.61 4.54
CA GLU A 517 30.58 12.51 4.38
C GLU A 517 31.04 11.06 4.52
N THR A 518 30.44 10.30 5.42
CA THR A 518 30.77 8.88 5.55
C THR A 518 30.39 8.12 4.29
N VAL A 519 29.23 8.44 3.70
CA VAL A 519 28.82 7.81 2.45
C VAL A 519 29.81 8.15 1.33
N LEU A 520 30.23 9.42 1.28
CA LEU A 520 31.19 9.83 0.25
C LEU A 520 32.52 9.10 0.40
N ALA A 521 33.01 8.99 1.64
CA ALA A 521 34.28 8.28 1.86
C ALA A 521 34.16 6.80 1.50
N LEU A 522 33.05 6.16 1.91
CA LEU A 522 32.85 4.75 1.58
C LEU A 522 32.76 4.54 0.08
N LEU A 523 32.04 5.41 -0.63
CA LEU A 523 31.92 5.28 -2.08
C LEU A 523 33.26 5.54 -2.76
N GLU A 524 34.06 6.45 -2.20
CA GLU A 524 35.41 6.68 -2.71
C GLU A 524 36.29 5.44 -2.50
N LYS A 525 36.03 4.67 -1.45
CA LYS A 525 36.78 3.45 -1.20
C LYS A 525 36.08 2.21 -1.74
N GLU A 526 35.36 2.34 -2.87
CA GLU A 526 34.77 1.25 -3.63
C GLU A 526 33.64 0.54 -2.91
N ALA A 527 32.79 1.26 -2.17
CA ALA A 527 31.59 0.65 -1.64
C ALA A 527 30.61 0.33 -2.77
N SER A 528 29.97 -0.83 -2.68
CA SER A 528 29.06 -1.31 -3.71
C SER A 528 27.63 -0.94 -3.34
N GLN A 529 26.98 -0.13 -4.18
CA GLN A 529 25.58 0.18 -3.97
C GLN A 529 24.68 -0.95 -4.45
N ALA A 530 25.24 -1.89 -5.22
CA ALA A 530 24.44 -3.03 -5.69
C ALA A 530 24.23 -4.04 -4.57
N CYS A 531 24.93 -3.89 -3.46
CA CYS A 531 24.73 -4.77 -2.32
C CYS A 531 23.32 -4.57 -1.74
N MET A 532 22.66 -5.67 -1.45
CA MET A 532 21.26 -5.64 -1.00
C MET A 532 21.12 -6.40 0.30
N THR A 533 20.23 -5.90 1.16
CA THR A 533 19.95 -6.58 2.42
C THR A 533 19.07 -7.80 2.18
N LYS A 534 18.75 -8.49 3.27
CA LYS A 534 17.87 -9.66 3.17
C LYS A 534 16.47 -9.25 2.73
N LYS A 535 16.01 -8.08 3.18
CA LYS A 535 14.72 -7.55 2.72
C LYS A 535 14.76 -7.17 1.25
N GLY A 536 15.95 -6.92 0.69
CA GLY A 536 16.08 -6.46 -0.67
C GLY A 536 16.34 -4.97 -0.82
N PHE A 537 16.96 -4.34 0.17
CA PHE A 537 17.15 -2.90 0.15
C PHE A 537 18.58 -2.53 -0.22
N THR A 538 18.71 -1.65 -1.21
CA THR A 538 19.97 -1.01 -1.52
C THR A 538 20.17 0.17 -0.57
N PRO A 539 21.36 0.79 -0.55
CA PRO A 539 21.51 2.03 0.22
C PRO A 539 20.55 3.13 -0.24
N LEU A 540 20.23 3.17 -1.53
CA LEU A 540 19.22 4.10 -2.02
C LEU A 540 17.85 3.76 -1.44
N HIS A 541 17.56 2.47 -1.29
CA HIS A 541 16.31 2.05 -0.66
C HIS A 541 16.24 2.54 0.79
N VAL A 542 17.35 2.42 1.52
CA VAL A 542 17.38 2.86 2.91
C VAL A 542 17.22 4.37 3.00
N ALA A 543 17.89 5.11 2.10
CA ALA A 543 17.73 6.56 2.07
C ALA A 543 16.29 6.95 1.77
N ALA A 544 15.64 6.24 0.85
CA ALA A 544 14.23 6.51 0.57
C ALA A 544 13.35 6.19 1.77
N LYS A 545 13.67 5.11 2.49
CA LYS A 545 12.87 4.74 3.66
C LYS A 545 12.99 5.78 4.77
N TYR A 546 14.19 6.28 5.00
CA TYR A 546 14.44 7.19 6.12
C TYR A 546 14.54 8.65 5.70
N GLY A 547 14.19 8.98 4.46
CA GLY A 547 14.08 10.37 4.07
C GLY A 547 15.38 11.13 3.97
N LYS A 548 16.50 10.43 3.79
CA LYS A 548 17.81 11.08 3.69
C LYS A 548 17.99 11.57 2.26
N VAL A 549 17.68 12.84 2.04
CA VAL A 549 17.66 13.39 0.68
C VAL A 549 19.07 13.70 0.20
N ARG A 550 19.98 14.03 1.12
CA ARG A 550 21.36 14.33 0.72
C ARG A 550 22.11 13.04 0.38
N VAL A 551 21.90 12.00 1.19
CA VAL A 551 22.52 10.70 0.90
C VAL A 551 21.99 10.15 -0.41
N ALA A 552 20.67 10.23 -0.63
CA ALA A 552 20.09 9.80 -1.89
C ALA A 552 20.62 10.62 -3.06
N GLU A 553 20.78 11.94 -2.86
CA GLU A 553 21.36 12.79 -3.89
C GLU A 553 22.75 12.32 -4.27
N LEU A 554 23.61 12.05 -3.28
CA LEU A 554 24.98 11.63 -3.58
C LEU A 554 24.99 10.26 -4.26
N LEU A 555 24.17 9.31 -3.76
CA LEU A 555 24.16 7.98 -4.36
C LEU A 555 23.68 8.02 -5.80
N LEU A 556 22.60 8.77 -6.08
CA LEU A 556 22.12 8.89 -7.45
C LEU A 556 23.09 9.69 -8.31
N GLU A 557 23.89 10.56 -7.68
CA GLU A 557 24.95 11.25 -8.41
C GLU A 557 26.02 10.28 -8.90
N ARG A 558 26.40 9.33 -8.04
CA ARG A 558 27.45 8.37 -8.40
C ARG A 558 26.87 6.95 -8.46
N ASP A 559 26.38 6.57 -9.65
CA ASP A 559 26.14 5.17 -10.02
C ASP A 559 25.15 4.46 -9.08
N ALA A 560 23.90 4.92 -9.09
CA ALA A 560 22.82 4.22 -8.42
C ALA A 560 21.66 4.05 -9.39
N HIS A 561 21.14 2.84 -9.49
CA HIS A 561 19.99 2.58 -10.36
C HIS A 561 18.72 3.00 -9.65
N PRO A 562 17.95 3.95 -10.18
CA PRO A 562 16.73 4.39 -9.48
C PRO A 562 15.66 3.32 -9.41
N ASN A 563 15.73 2.31 -10.26
CA ASN A 563 14.70 1.29 -10.35
C ASN A 563 15.18 -0.09 -9.91
N ALA A 564 16.23 -0.16 -9.10
CA ALA A 564 16.66 -1.44 -8.55
C ALA A 564 15.60 -2.01 -7.63
N ALA A 565 15.40 -3.33 -7.71
CA ALA A 565 14.37 -3.99 -6.93
C ALA A 565 14.83 -5.40 -6.55
N GLY A 566 14.23 -5.92 -5.49
CA GLY A 566 14.52 -7.26 -5.02
C GLY A 566 13.49 -8.27 -5.48
N LYS A 567 13.31 -9.31 -4.67
CA LYS A 567 12.32 -10.34 -4.97
C LYS A 567 10.90 -9.77 -4.89
N ASN A 568 10.66 -8.90 -3.91
CA ASN A 568 9.33 -8.29 -3.78
C ASN A 568 9.06 -7.30 -4.90
N GLY A 569 10.10 -6.85 -5.59
CA GLY A 569 9.96 -5.89 -6.66
C GLY A 569 9.85 -4.44 -6.22
N LEU A 570 10.05 -4.15 -4.94
CA LEU A 570 9.96 -2.78 -4.47
C LEU A 570 11.17 -1.98 -4.94
N THR A 571 10.90 -0.81 -5.50
CA THR A 571 11.90 0.13 -5.97
C THR A 571 12.09 1.20 -4.90
N PRO A 572 13.16 2.00 -4.99
CA PRO A 572 13.29 3.13 -4.05
C PRO A 572 12.12 4.08 -4.09
N LEU A 573 11.48 4.24 -5.26
CA LEU A 573 10.27 5.04 -5.34
C LEU A 573 9.15 4.42 -4.52
N HIS A 574 9.03 3.09 -4.53
CA HIS A 574 8.02 2.42 -3.74
C HIS A 574 8.18 2.73 -2.26
N VAL A 575 9.41 2.62 -1.75
CA VAL A 575 9.66 2.86 -0.34
C VAL A 575 9.48 4.34 0.01
N ALA A 576 9.89 5.22 -0.90
CA ALA A 576 9.71 6.65 -0.67
C ALA A 576 8.25 7.03 -0.59
N VAL A 577 7.42 6.46 -1.45
CA VAL A 577 5.98 6.72 -1.38
C VAL A 577 5.37 6.08 -0.14
N HIS A 578 5.81 4.86 0.20
CA HIS A 578 5.23 4.15 1.34
C HIS A 578 5.52 4.87 2.65
N HIS A 579 6.72 5.42 2.80
CA HIS A 579 7.10 6.13 4.00
C HIS A 579 6.83 7.63 3.91
N ASN A 580 6.21 8.10 2.82
CA ASN A 580 5.77 9.48 2.67
C ASN A 580 6.93 10.46 2.73
N ASN A 581 7.95 10.22 1.91
CA ASN A 581 9.09 11.12 1.76
C ASN A 581 8.91 11.90 0.47
N LEU A 582 8.34 13.10 0.56
CA LEU A 582 8.08 13.91 -0.62
C LEU A 582 9.36 14.35 -1.29
N ASP A 583 10.38 14.73 -0.50
CA ASP A 583 11.64 15.16 -1.08
C ASP A 583 12.33 14.02 -1.83
N ILE A 584 12.29 12.82 -1.27
CA ILE A 584 12.93 11.68 -1.92
C ILE A 584 12.21 11.34 -3.23
N VAL A 585 10.88 11.43 -3.24
CA VAL A 585 10.13 11.20 -4.48
C VAL A 585 10.46 12.26 -5.51
N LYS A 586 10.51 13.52 -5.10
CA LYS A 586 10.77 14.62 -6.02
C LYS A 586 12.22 14.60 -6.51
N LEU A 587 13.09 13.89 -5.80
CA LEU A 587 14.46 13.74 -6.28
C LEU A 587 14.60 12.49 -7.16
N LEU A 588 13.85 11.44 -6.86
CA LEU A 588 13.96 10.19 -7.61
C LEU A 588 13.31 10.30 -8.98
N LEU A 589 12.18 11.02 -9.08
CA LEU A 589 11.45 11.06 -10.34
C LEU A 589 12.25 11.66 -11.50
N PRO A 590 12.91 12.83 -11.38
CA PRO A 590 13.66 13.34 -12.54
C PRO A 590 14.82 12.45 -13.00
N ARG A 591 15.44 11.71 -12.09
N ARG A 591 15.43 11.71 -12.08
CA ARG A 591 16.63 10.93 -12.39
CA ARG A 591 16.63 10.94 -12.38
C ARG A 591 16.33 9.55 -12.94
C ARG A 591 16.34 9.52 -12.87
N GLY A 592 15.07 9.17 -13.06
CA GLY A 592 14.70 7.87 -13.60
C GLY A 592 13.86 7.01 -12.70
N GLY A 593 13.43 7.50 -11.54
CA GLY A 593 12.46 6.76 -10.75
C GLY A 593 11.15 6.60 -11.51
N SER A 594 10.82 5.35 -11.83
CA SER A 594 9.72 5.07 -12.74
C SER A 594 8.42 4.90 -11.97
N PRO A 595 7.39 5.70 -12.28
CA PRO A 595 6.07 5.44 -11.68
C PRO A 595 5.46 4.14 -12.14
N HIS A 596 5.94 3.57 -13.24
CA HIS A 596 5.34 2.38 -13.81
C HIS A 596 5.94 1.09 -13.26
N SER A 597 6.85 1.18 -12.30
CA SER A 597 7.47 -0.01 -11.75
C SER A 597 6.46 -0.79 -10.92
N PRO A 598 6.22 -2.07 -11.23
CA PRO A 598 5.28 -2.87 -10.44
C PRO A 598 5.93 -3.67 -9.33
N ALA A 599 5.22 -3.86 -8.22
CA ALA A 599 5.70 -4.69 -7.13
C ALA A 599 5.36 -6.15 -7.42
N TRP A 600 5.51 -7.01 -6.40
CA TRP A 600 5.14 -8.41 -6.57
C TRP A 600 3.64 -8.56 -6.83
N ASN A 601 2.83 -7.76 -6.15
CA ASN A 601 1.39 -7.81 -6.37
C ASN A 601 0.93 -6.90 -7.49
N GLY A 602 1.86 -6.29 -8.23
CA GLY A 602 1.52 -5.41 -9.31
C GLY A 602 1.29 -3.96 -8.92
N TYR A 603 1.45 -3.63 -7.65
CA TYR A 603 1.25 -2.26 -7.19
C TYR A 603 2.33 -1.33 -7.74
N THR A 604 1.91 -0.16 -8.18
CA THR A 604 2.80 0.92 -8.56
C THR A 604 2.98 1.86 -7.37
N PRO A 605 3.94 2.79 -7.43
CA PRO A 605 3.99 3.82 -6.39
C PRO A 605 2.72 4.67 -6.33
N LEU A 606 2.03 4.84 -7.46
CA LEU A 606 0.77 5.57 -7.46
C LEU A 606 -0.30 4.82 -6.69
N HIS A 607 -0.25 3.48 -6.70
CA HIS A 607 -1.15 2.68 -5.87
C HIS A 607 -0.98 3.04 -4.39
N ILE A 608 0.27 3.05 -3.92
CA ILE A 608 0.55 3.36 -2.52
C ILE A 608 0.15 4.79 -2.19
N ALA A 609 0.43 5.73 -3.11
CA ALA A 609 0.06 7.12 -2.88
C ALA A 609 -1.45 7.28 -2.78
N ALA A 610 -2.20 6.59 -3.65
CA ALA A 610 -3.65 6.70 -3.63
C ALA A 610 -4.25 6.05 -2.38
N LYS A 611 -3.66 4.94 -1.93
CA LYS A 611 -4.19 4.28 -0.74
C LYS A 611 -3.94 5.10 0.51
N GLN A 612 -2.81 5.79 0.58
CA GLN A 612 -2.39 6.50 1.79
C GLN A 612 -2.74 7.99 1.76
N ASN A 613 -3.50 8.44 0.77
CA ASN A 613 -3.95 9.83 0.66
C ASN A 613 -2.79 10.82 0.61
N GLN A 614 -1.70 10.44 -0.05
CA GLN A 614 -0.59 11.37 -0.30
C GLN A 614 -0.87 12.10 -1.60
N VAL A 615 -1.58 13.23 -1.46
CA VAL A 615 -2.04 13.97 -2.63
C VAL A 615 -0.88 14.55 -3.42
N GLU A 616 0.08 15.17 -2.73
CA GLU A 616 1.20 15.81 -3.42
C GLU A 616 2.09 14.80 -4.11
N VAL A 617 2.35 13.66 -3.45
CA VAL A 617 3.12 12.59 -4.07
C VAL A 617 2.38 12.06 -5.30
N ALA A 618 1.06 11.95 -5.21
CA ALA A 618 0.27 11.52 -6.37
C ALA A 618 0.37 12.52 -7.51
N ARG A 619 0.34 13.82 -7.21
CA ARG A 619 0.48 14.82 -8.26
C ARG A 619 1.86 14.73 -8.92
N SER A 620 2.91 14.53 -8.13
CA SER A 620 4.24 14.38 -8.71
C SER A 620 4.33 13.14 -9.60
N LEU A 621 3.79 12.02 -9.12
CA LEU A 621 3.83 10.78 -9.89
C LEU A 621 3.03 10.89 -11.18
N LEU A 622 1.87 11.56 -11.12
CA LEU A 622 1.06 11.75 -12.31
C LEU A 622 1.72 12.73 -13.28
N GLN A 623 2.44 13.71 -12.74
CA GLN A 623 3.19 14.63 -13.59
C GLN A 623 4.30 13.91 -14.33
N TYR A 624 4.96 12.96 -13.68
CA TYR A 624 6.02 12.20 -14.31
C TYR A 624 5.53 10.91 -14.97
N GLY A 625 4.28 10.88 -15.43
CA GLY A 625 3.80 9.79 -16.25
C GLY A 625 3.09 8.67 -15.54
N GLY A 626 2.67 8.87 -14.29
CA GLY A 626 1.93 7.82 -13.60
C GLY A 626 0.58 7.57 -14.25
N SER A 627 0.18 6.31 -14.27
CA SER A 627 -1.08 5.89 -14.88
C SER A 627 -2.08 5.54 -13.79
N ALA A 628 -3.25 6.18 -13.82
CA ALA A 628 -4.25 5.94 -12.81
C ALA A 628 -5.00 4.63 -13.03
N ASN A 629 -4.87 4.05 -14.23
CA ASN A 629 -5.53 2.80 -14.55
C ASN A 629 -4.60 1.59 -14.52
N ALA A 630 -3.40 1.74 -13.96
CA ALA A 630 -2.51 0.60 -13.78
C ALA A 630 -3.14 -0.41 -12.84
N GLU A 631 -3.05 -1.69 -13.20
CA GLU A 631 -3.78 -2.75 -12.51
C GLU A 631 -2.81 -3.63 -11.74
N SER A 632 -3.26 -4.10 -10.58
CA SER A 632 -2.54 -5.10 -9.82
C SER A 632 -2.77 -6.49 -10.43
N VAL A 633 -2.30 -7.51 -9.72
CA VAL A 633 -2.50 -8.88 -10.20
C VAL A 633 -3.96 -9.28 -10.11
N GLN A 634 -4.73 -8.60 -9.29
CA GLN A 634 -6.17 -8.84 -9.16
C GLN A 634 -7.01 -7.74 -9.81
N GLY A 635 -6.41 -6.90 -10.65
CA GLY A 635 -7.14 -5.87 -11.36
C GLY A 635 -7.39 -4.60 -10.59
N VAL A 636 -6.75 -4.41 -9.44
CA VAL A 636 -7.00 -3.23 -8.62
C VAL A 636 -6.18 -2.05 -9.15
N THR A 637 -6.86 -0.94 -9.38
CA THR A 637 -6.26 0.30 -9.84
C THR A 637 -6.10 1.24 -8.66
N PRO A 638 -5.26 2.28 -8.80
CA PRO A 638 -5.18 3.29 -7.73
C PRO A 638 -6.50 3.95 -7.42
N LEU A 639 -7.39 4.07 -8.42
CA LEU A 639 -8.73 4.59 -8.17
C LEU A 639 -9.51 3.68 -7.23
N HIS A 640 -9.36 2.36 -7.39
CA HIS A 640 -10.01 1.41 -6.49
C HIS A 640 -9.55 1.62 -5.05
N LEU A 641 -8.24 1.76 -4.84
CA LEU A 641 -7.72 1.94 -3.50
C LEU A 641 -8.13 3.29 -2.92
N ALA A 642 -8.14 4.34 -3.74
CA ALA A 642 -8.57 5.66 -3.27
C ALA A 642 -10.04 5.67 -2.89
N ALA A 643 -10.88 5.03 -3.69
CA ALA A 643 -12.31 4.98 -3.39
C ALA A 643 -12.59 4.11 -2.17
N GLN A 644 -11.86 3.00 -2.03
CA GLN A 644 -12.05 2.12 -0.88
C GLN A 644 -11.65 2.79 0.42
N GLU A 645 -10.57 3.56 0.40
CA GLU A 645 -10.06 4.24 1.59
C GLU A 645 -10.76 5.56 1.86
N GLY A 646 -11.70 5.97 1.01
CA GLY A 646 -12.47 7.18 1.27
C GLY A 646 -11.69 8.48 1.11
N HIS A 647 -10.92 8.60 0.05
CA HIS A 647 -10.16 9.83 -0.22
C HIS A 647 -10.80 10.51 -1.43
N ALA A 648 -11.71 11.44 -1.15
CA ALA A 648 -12.45 12.10 -2.22
C ALA A 648 -11.54 12.98 -3.08
N GLU A 649 -10.61 13.71 -2.45
CA GLU A 649 -9.68 14.54 -3.20
C GLU A 649 -8.77 13.70 -4.09
N MET A 650 -8.30 12.57 -3.57
CA MET A 650 -7.49 11.66 -4.37
C MET A 650 -8.27 11.10 -5.54
N VAL A 651 -9.54 10.74 -5.32
CA VAL A 651 -10.38 10.22 -6.40
C VAL A 651 -10.58 11.28 -7.47
N ALA A 652 -10.85 12.52 -7.06
CA ALA A 652 -11.00 13.60 -8.04
C ALA A 652 -9.72 13.84 -8.82
N LEU A 653 -8.57 13.81 -8.13
CA LEU A 653 -7.28 13.99 -8.79
C LEU A 653 -7.03 12.89 -9.82
N LEU A 654 -7.31 11.64 -9.46
CA LEU A 654 -7.12 10.54 -10.39
C LEU A 654 -8.08 10.65 -11.57
N LEU A 655 -9.34 11.01 -11.31
CA LEU A 655 -10.32 11.13 -12.38
C LEU A 655 -9.97 12.28 -13.33
N SER A 656 -9.26 13.30 -12.83
CA SER A 656 -8.78 14.35 -13.69
C SER A 656 -7.65 13.87 -14.60
N LYS A 657 -7.09 12.68 -14.32
CA LYS A 657 -6.01 12.11 -15.10
C LYS A 657 -6.39 10.83 -15.82
N GLN A 658 -7.58 10.79 -16.43
CA GLN A 658 -8.05 9.69 -17.27
C GLN A 658 -8.22 8.39 -16.51
N ALA A 659 -8.59 8.46 -15.24
CA ALA A 659 -8.97 7.25 -14.51
C ALA A 659 -10.35 6.79 -14.97
N ASN A 660 -10.52 5.48 -15.06
CA ASN A 660 -11.77 4.88 -15.50
C ASN A 660 -12.55 4.41 -14.28
N GLY A 661 -13.64 5.11 -13.97
CA GLY A 661 -14.44 4.75 -12.81
C GLY A 661 -15.29 3.52 -13.05
N ASN A 662 -15.52 3.17 -14.31
CA ASN A 662 -16.34 2.01 -14.62
C ASN A 662 -15.50 0.74 -14.72
N LEU A 663 -14.18 0.86 -14.63
CA LEU A 663 -13.31 -0.30 -14.74
C LEU A 663 -13.46 -1.20 -13.52
N GLY A 664 -13.48 -2.51 -13.76
CA GLY A 664 -13.64 -3.47 -12.68
C GLY A 664 -12.43 -4.36 -12.50
N ASN A 665 -12.31 -4.94 -11.31
CA ASN A 665 -11.21 -5.85 -10.99
C ASN A 665 -11.52 -7.24 -11.56
N LYS A 666 -10.74 -8.24 -11.13
CA LYS A 666 -10.95 -9.61 -11.61
C LYS A 666 -12.34 -10.13 -11.24
N SER A 667 -12.86 -9.70 -10.09
CA SER A 667 -14.19 -10.08 -9.65
C SER A 667 -15.28 -9.14 -10.15
N GLY A 668 -14.93 -8.15 -10.97
CA GLY A 668 -15.90 -7.22 -11.49
C GLY A 668 -16.23 -6.05 -10.58
N LEU A 669 -15.58 -5.95 -9.43
CA LEU A 669 -15.87 -4.88 -8.49
C LEU A 669 -15.35 -3.54 -9.02
N THR A 670 -16.20 -2.54 -8.98
CA THR A 670 -15.90 -1.18 -9.40
C THR A 670 -15.51 -0.36 -8.19
N PRO A 671 -14.94 0.84 -8.38
CA PRO A 671 -14.71 1.72 -7.22
C PRO A 671 -15.98 2.04 -6.46
N LEU A 672 -17.12 2.12 -7.15
CA LEU A 672 -18.39 2.32 -6.46
C LEU A 672 -18.73 1.12 -5.59
N HIS A 673 -18.36 -0.08 -6.02
CA HIS A 673 -18.58 -1.27 -5.20
C HIS A 673 -17.77 -1.21 -3.90
N LEU A 674 -16.52 -0.77 -3.98
CA LEU A 674 -15.70 -0.62 -2.79
C LEU A 674 -16.21 0.49 -1.89
N VAL A 675 -16.67 1.60 -2.47
CA VAL A 675 -17.31 2.65 -1.69
C VAL A 675 -18.53 2.10 -0.95
N ALA A 676 -19.31 1.26 -1.63
CA ALA A 676 -20.44 0.61 -0.97
C ALA A 676 -19.99 -0.30 0.15
N GLN A 677 -18.88 -1.00 -0.05
CA GLN A 677 -18.37 -1.89 0.99
C GLN A 677 -17.96 -1.12 2.24
N GLU A 678 -17.32 0.03 2.07
CA GLU A 678 -16.86 0.79 3.23
C GLU A 678 -17.79 1.94 3.62
N GLY A 679 -18.48 2.57 2.67
CA GLY A 679 -19.49 3.55 3.04
C GLY A 679 -19.05 4.99 3.12
N HIS A 680 -18.41 5.52 2.08
CA HIS A 680 -18.02 6.92 2.05
C HIS A 680 -18.95 7.68 1.09
N VAL A 681 -19.80 8.53 1.65
CA VAL A 681 -20.72 9.33 0.81
C VAL A 681 -19.99 10.31 -0.10
N PRO A 682 -19.02 11.12 0.37
CA PRO A 682 -18.39 12.09 -0.54
C PRO A 682 -17.68 11.47 -1.74
N VAL A 683 -17.09 10.27 -1.57
CA VAL A 683 -16.45 9.62 -2.70
C VAL A 683 -17.48 9.14 -3.72
N ALA A 684 -18.61 8.60 -3.24
CA ALA A 684 -19.68 8.21 -4.14
C ALA A 684 -20.25 9.41 -4.86
N ASP A 685 -20.28 10.57 -4.20
CA ASP A 685 -20.75 11.79 -4.86
C ASP A 685 -19.86 12.15 -6.04
N VAL A 686 -18.54 12.14 -5.85
CA VAL A 686 -17.61 12.45 -6.93
C VAL A 686 -17.73 11.41 -8.05
N LEU A 687 -17.82 10.13 -7.68
CA LEU A 687 -17.93 9.09 -8.69
C LEU A 687 -19.21 9.23 -9.52
N ILE A 688 -20.34 9.52 -8.86
CA ILE A 688 -21.60 9.67 -9.58
C ILE A 688 -21.58 10.94 -10.44
N LYS A 689 -20.92 11.99 -9.96
CA LYS A 689 -20.83 13.22 -10.75
C LYS A 689 -19.94 13.02 -11.97
N HIS A 690 -18.95 12.13 -11.86
CA HIS A 690 -18.09 11.83 -13.01
C HIS A 690 -18.86 11.14 -14.13
N GLY A 691 -19.77 10.23 -13.78
CA GLY A 691 -20.51 9.49 -14.78
C GLY A 691 -20.44 7.99 -14.60
N VAL A 692 -20.07 7.56 -13.38
CA VAL A 692 -19.97 6.14 -13.09
C VAL A 692 -21.36 5.51 -13.07
N MET A 693 -21.48 4.34 -13.71
CA MET A 693 -22.73 3.60 -13.76
C MET A 693 -23.15 3.20 -12.34
N VAL A 694 -24.36 3.61 -11.94
CA VAL A 694 -24.84 3.34 -10.59
C VAL A 694 -25.10 1.85 -10.40
N ASP A 695 -25.63 1.19 -11.44
CA ASP A 695 -26.03 -0.20 -11.35
C ASP A 695 -25.04 -1.14 -12.02
N ALA A 696 -23.74 -0.85 -11.89
CA ALA A 696 -22.72 -1.76 -12.40
C ALA A 696 -22.78 -3.09 -11.65
N THR A 697 -22.57 -4.18 -12.38
CA THR A 697 -22.68 -5.53 -11.82
C THR A 697 -21.34 -6.22 -11.85
N THR A 698 -21.09 -7.04 -10.83
CA THR A 698 -19.89 -7.86 -10.77
C THR A 698 -20.09 -9.14 -11.58
N ARG A 699 -19.19 -10.10 -11.39
CA ARG A 699 -19.30 -11.38 -12.09
C ARG A 699 -20.56 -12.13 -11.70
N MET A 700 -20.92 -12.08 -10.42
CA MET A 700 -22.09 -12.79 -9.92
C MET A 700 -23.33 -11.91 -9.84
N GLY A 701 -23.28 -10.70 -10.39
CA GLY A 701 -24.45 -9.86 -10.50
C GLY A 701 -24.70 -8.91 -9.35
N TYR A 702 -23.72 -8.67 -8.50
CA TYR A 702 -23.91 -7.75 -7.38
C TYR A 702 -23.72 -6.31 -7.82
N THR A 703 -24.67 -5.47 -7.45
CA THR A 703 -24.65 -4.03 -7.68
C THR A 703 -24.07 -3.32 -6.46
N PRO A 704 -23.68 -2.04 -6.61
CA PRO A 704 -23.27 -1.28 -5.41
C PRO A 704 -24.36 -1.19 -4.36
N LEU A 705 -25.64 -1.18 -4.77
CA LEU A 705 -26.72 -1.22 -3.79
C LEU A 705 -26.72 -2.54 -3.03
N HIS A 706 -26.43 -3.65 -3.72
CA HIS A 706 -26.31 -4.94 -3.06
C HIS A 706 -25.22 -4.91 -1.99
N VAL A 707 -24.05 -4.37 -2.33
CA VAL A 707 -22.93 -4.34 -1.39
C VAL A 707 -23.22 -3.41 -0.22
N ALA A 708 -23.84 -2.26 -0.50
CA ALA A 708 -24.16 -1.31 0.55
C ALA A 708 -25.21 -1.88 1.51
N SER A 709 -26.19 -2.61 0.98
CA SER A 709 -27.17 -3.27 1.85
C SER A 709 -26.54 -4.41 2.63
N HIS A 710 -25.58 -5.11 2.02
CA HIS A 710 -24.89 -6.19 2.71
C HIS A 710 -24.07 -5.68 3.89
N TYR A 711 -23.35 -4.57 3.70
CA TYR A 711 -22.41 -4.10 4.71
C TYR A 711 -23.01 -3.10 5.68
N GLY A 712 -24.28 -2.74 5.53
CA GLY A 712 -24.96 -1.93 6.52
C GLY A 712 -24.70 -0.44 6.47
N ASN A 713 -24.35 0.10 5.32
CA ASN A 713 -24.12 1.54 5.16
C ASN A 713 -25.42 2.18 4.68
N ILE A 714 -26.21 2.70 5.63
CA ILE A 714 -27.54 3.20 5.30
C ILE A 714 -27.46 4.50 4.51
N LYS A 715 -26.47 5.34 4.81
CA LYS A 715 -26.35 6.63 4.12
C LYS A 715 -26.05 6.42 2.64
N LEU A 716 -25.18 5.46 2.32
CA LEU A 716 -24.87 5.23 0.91
C LEU A 716 -26.02 4.52 0.20
N VAL A 717 -26.78 3.71 0.94
CA VAL A 717 -28.01 3.13 0.37
C VAL A 717 -28.98 4.25 -0.01
N LYS A 718 -29.16 5.23 0.88
CA LYS A 718 -29.99 6.38 0.56
C LYS A 718 -29.46 7.14 -0.63
N PHE A 719 -28.13 7.34 -0.69
CA PHE A 719 -27.53 8.06 -1.81
C PHE A 719 -27.77 7.34 -3.13
N LEU A 720 -27.54 6.02 -3.17
CA LEU A 720 -27.74 5.26 -4.39
C LEU A 720 -29.22 5.24 -4.80
N LEU A 721 -30.13 5.11 -3.83
CA LEU A 721 -31.54 5.15 -4.14
C LEU A 721 -31.98 6.51 -4.64
N GLN A 722 -31.35 7.59 -4.15
CA GLN A 722 -31.58 8.92 -4.71
C GLN A 722 -31.06 9.03 -6.13
N HIS A 723 -29.98 8.31 -6.45
CA HIS A 723 -29.40 8.34 -7.78
C HIS A 723 -29.81 7.16 -8.64
N GLN A 724 -31.07 6.72 -8.51
CA GLN A 724 -31.73 5.78 -9.41
C GLN A 724 -31.14 4.38 -9.41
N ALA A 725 -30.70 3.88 -8.26
CA ALA A 725 -30.29 2.49 -8.18
C ALA A 725 -31.52 1.58 -8.23
N ASP A 726 -31.33 0.39 -8.80
CA ASP A 726 -32.42 -0.57 -8.90
C ASP A 726 -32.61 -1.24 -7.55
N VAL A 727 -33.70 -0.89 -6.86
CA VAL A 727 -33.95 -1.43 -5.53
C VAL A 727 -34.28 -2.92 -5.60
N ASN A 728 -34.89 -3.35 -6.71
CA ASN A 728 -35.27 -4.75 -6.91
C ASN A 728 -34.30 -5.48 -7.83
N ALA A 729 -33.05 -5.03 -7.90
CA ALA A 729 -32.06 -5.71 -8.72
C ALA A 729 -31.77 -7.10 -8.15
N LYS A 730 -31.49 -8.04 -9.04
CA LYS A 730 -31.25 -9.43 -8.66
C LYS A 730 -29.91 -9.89 -9.21
N THR A 731 -29.21 -10.69 -8.41
CA THR A 731 -27.96 -11.27 -8.86
C THR A 731 -28.23 -12.48 -9.75
N LYS A 732 -27.16 -13.19 -10.12
CA LYS A 732 -27.31 -14.40 -10.92
C LYS A 732 -28.04 -15.50 -10.14
N LEU A 733 -27.94 -15.48 -8.81
CA LEU A 733 -28.66 -16.42 -7.97
C LEU A 733 -29.99 -15.86 -7.48
N GLY A 734 -30.40 -14.70 -7.99
CA GLY A 734 -31.69 -14.14 -7.65
C GLY A 734 -31.78 -13.45 -6.32
N TYR A 735 -30.67 -12.93 -5.81
CA TYR A 735 -30.68 -12.27 -4.51
C TYR A 735 -30.86 -10.76 -4.68
N SER A 736 -31.81 -10.20 -3.96
CA SER A 736 -32.08 -8.78 -3.95
C SER A 736 -31.22 -8.09 -2.89
N PRO A 737 -31.08 -6.76 -2.95
CA PRO A 737 -30.48 -6.06 -1.81
C PRO A 737 -31.24 -6.25 -0.51
N LEU A 738 -32.56 -6.43 -0.59
CA LEU A 738 -33.33 -6.78 0.60
C LEU A 738 -32.94 -8.15 1.12
N HIS A 739 -32.62 -9.09 0.23
CA HIS A 739 -32.13 -10.40 0.68
C HIS A 739 -30.83 -10.25 1.48
N GLN A 740 -29.90 -9.45 0.99
CA GLN A 740 -28.64 -9.23 1.70
C GLN A 740 -28.88 -8.53 3.03
N ALA A 741 -29.78 -7.55 3.03
CA ALA A 741 -30.09 -6.83 4.27
C ALA A 741 -30.70 -7.75 5.32
N ALA A 742 -31.60 -8.65 4.90
CA ALA A 742 -32.20 -9.59 5.84
C ALA A 742 -31.18 -10.64 6.30
N GLN A 743 -30.26 -11.03 5.40
CA GLN A 743 -29.27 -12.04 5.76
C GLN A 743 -28.25 -11.48 6.75
N GLN A 744 -27.89 -10.21 6.62
CA GLN A 744 -26.93 -9.59 7.52
C GLN A 744 -27.59 -8.90 8.72
N GLY A 745 -28.91 -8.91 8.80
CA GLY A 745 -29.59 -8.44 9.99
C GLY A 745 -29.68 -6.94 10.15
N HIS A 746 -29.58 -6.18 9.06
CA HIS A 746 -29.69 -4.72 9.12
C HIS A 746 -31.16 -4.35 9.02
N THR A 747 -31.79 -4.08 10.16
CA THR A 747 -33.22 -3.79 10.18
C THR A 747 -33.52 -2.43 9.57
N ASP A 748 -32.70 -1.42 9.86
CA ASP A 748 -32.93 -0.09 9.32
C ASP A 748 -32.74 -0.08 7.80
N ILE A 749 -31.78 -0.87 7.31
CA ILE A 749 -31.59 -1.00 5.87
C ILE A 749 -32.83 -1.63 5.24
N VAL A 750 -33.40 -2.64 5.91
CA VAL A 750 -34.62 -3.28 5.43
C VAL A 750 -35.76 -2.28 5.36
N THR A 751 -35.91 -1.47 6.42
CA THR A 751 -36.98 -0.47 6.43
C THR A 751 -36.81 0.56 5.33
N LEU A 752 -35.57 1.03 5.13
CA LEU A 752 -35.31 2.01 4.08
C LEU A 752 -35.56 1.42 2.69
N LEU A 753 -35.20 0.16 2.49
CA LEU A 753 -35.43 -0.48 1.19
C LEU A 753 -36.91 -0.65 0.93
N LEU A 754 -37.68 -1.11 1.93
CA LEU A 754 -39.11 -1.27 1.75
C LEU A 754 -39.80 0.07 1.50
N LYS A 755 -39.33 1.13 2.18
CA LYS A 755 -39.87 2.46 1.94
C LYS A 755 -39.55 2.95 0.54
N ASN A 756 -38.51 2.42 -0.08
CA ASN A 756 -38.08 2.84 -1.42
C ASN A 756 -38.52 1.88 -2.52
N GLY A 757 -39.40 0.93 -2.21
CA GLY A 757 -39.97 0.07 -3.22
C GLY A 757 -39.37 -1.32 -3.34
N ALA A 758 -38.61 -1.78 -2.34
CA ALA A 758 -38.15 -3.16 -2.36
C ALA A 758 -39.33 -4.10 -2.26
N SER A 759 -39.28 -5.16 -3.07
CA SER A 759 -40.41 -6.07 -3.19
C SER A 759 -40.16 -7.34 -2.38
N PRO A 760 -40.90 -7.57 -1.31
CA PRO A 760 -40.88 -8.88 -0.67
C PRO A 760 -41.60 -9.92 -1.52
N ASN A 761 -41.60 -11.15 -1.01
CA ASN A 761 -42.16 -12.37 -1.62
C ASN A 761 -41.37 -12.80 -2.86
N GLU A 762 -40.36 -12.04 -3.28
CA GLU A 762 -39.50 -12.46 -4.36
C GLU A 762 -38.58 -13.58 -3.89
N VAL A 763 -38.44 -14.60 -4.73
CA VAL A 763 -37.75 -15.83 -4.35
C VAL A 763 -36.47 -15.94 -5.15
N SER A 764 -35.36 -16.22 -4.46
CA SER A 764 -34.08 -16.42 -5.10
C SER A 764 -34.01 -17.82 -5.72
N SER A 765 -32.92 -18.06 -6.45
CA SER A 765 -32.72 -19.38 -7.05
C SER A 765 -32.53 -20.46 -5.99
N ASP A 766 -32.05 -20.09 -4.81
CA ASP A 766 -31.92 -21.06 -3.72
C ASP A 766 -33.28 -21.40 -3.11
N GLY A 767 -34.31 -20.61 -3.42
CA GLY A 767 -35.63 -20.85 -2.89
C GLY A 767 -35.96 -20.16 -1.60
N THR A 768 -35.23 -19.10 -1.23
CA THR A 768 -35.40 -18.43 0.05
C THR A 768 -35.89 -17.00 -0.16
N THR A 769 -36.95 -16.64 0.56
CA THR A 769 -37.40 -15.26 0.65
C THR A 769 -36.62 -14.55 1.75
N PRO A 770 -36.58 -13.20 1.73
CA PRO A 770 -35.89 -12.49 2.82
C PRO A 770 -36.44 -12.79 4.20
N LEU A 771 -37.75 -12.98 4.31
CA LEU A 771 -38.34 -13.39 5.59
C LEU A 771 -37.84 -14.78 5.99
N ALA A 772 -37.74 -15.69 5.01
CA ALA A 772 -37.23 -17.03 5.30
C ALA A 772 -35.79 -16.98 5.78
N ILE A 773 -34.96 -16.15 5.14
CA ILE A 773 -33.57 -16.01 5.57
C ILE A 773 -33.49 -15.43 6.98
N ALA A 774 -34.29 -14.39 7.25
CA ALA A 774 -34.28 -13.77 8.57
C ALA A 774 -34.71 -14.75 9.64
N LYS A 775 -35.70 -15.59 9.34
CA LYS A 775 -36.09 -16.65 10.27
C LYS A 775 -35.00 -17.70 10.40
N ARG A 776 -34.24 -17.93 9.32
CA ARG A 776 -33.24 -18.99 9.33
C ARG A 776 -32.07 -18.64 10.24
N LEU A 777 -31.57 -17.40 10.17
CA LEU A 777 -30.55 -16.97 11.13
C LEU A 777 -31.14 -16.25 12.33
N GLY A 778 -32.46 -16.24 12.49
CA GLY A 778 -33.07 -15.82 13.75
C GLY A 778 -32.89 -14.36 14.11
N TYR A 779 -32.96 -13.46 13.13
CA TYR A 779 -32.94 -12.02 13.40
C TYR A 779 -34.36 -11.59 13.73
N ILE A 780 -34.61 -11.33 15.03
CA ILE A 780 -35.97 -11.11 15.50
C ILE A 780 -36.52 -9.79 14.95
N SER A 781 -35.70 -8.73 14.94
CA SER A 781 -36.18 -7.44 14.47
C SER A 781 -36.46 -7.46 12.97
N VAL A 782 -35.54 -8.06 12.20
CA VAL A 782 -35.73 -8.14 10.75
C VAL A 782 -36.95 -9.01 10.42
N THR A 783 -37.13 -10.10 11.16
CA THR A 783 -38.31 -10.95 10.98
C THR A 783 -39.59 -10.18 11.30
N ASP A 784 -39.57 -9.39 12.39
CA ASP A 784 -40.75 -8.62 12.76
C ASP A 784 -41.10 -7.59 11.71
N VAL A 785 -40.09 -6.93 11.14
CA VAL A 785 -40.35 -5.93 10.10
C VAL A 785 -40.84 -6.59 8.82
N LEU A 786 -40.24 -7.71 8.44
CA LEU A 786 -40.58 -8.34 7.17
C LEU A 786 -41.93 -9.06 7.23
N LYS A 787 -42.34 -9.52 8.42
CA LYS A 787 -43.58 -10.28 8.54
C LYS A 787 -44.80 -9.42 8.24
N VAL A 788 -44.68 -8.10 8.42
CA VAL A 788 -45.80 -7.21 8.17
C VAL A 788 -46.09 -7.12 6.68
N VAL A 789 -45.04 -7.08 5.85
CA VAL A 789 -45.19 -6.82 4.43
C VAL A 789 -45.09 -8.08 3.58
N THR A 790 -44.97 -9.26 4.19
CA THR A 790 -44.84 -10.52 3.46
C THR A 790 -46.13 -11.31 3.56
N ASP A 791 -46.63 -11.76 2.41
CA ASP A 791 -47.85 -12.56 2.39
C ASP A 791 -47.57 -13.99 2.82
N GLU A 792 -48.64 -14.71 3.16
CA GLU A 792 -48.50 -16.09 3.62
C GLU A 792 -48.04 -17.00 2.48
N THR A 793 -47.23 -17.98 2.83
CA THR A 793 -46.70 -18.92 1.85
C THR A 793 -47.26 -20.32 2.07
N HIS A 802 -29.81 -23.77 2.66
CA HIS A 802 -28.78 -23.34 3.60
C HIS A 802 -27.61 -22.69 2.88
N ARG A 803 -27.92 -21.76 1.98
CA ARG A 803 -26.92 -21.06 1.19
C ARG A 803 -26.90 -19.59 1.58
N MET A 804 -25.71 -19.05 1.79
CA MET A 804 -25.52 -17.66 2.16
C MET A 804 -24.89 -16.90 1.01
N SER A 805 -25.51 -15.79 0.62
CA SER A 805 -24.99 -14.97 -0.47
C SER A 805 -23.96 -13.99 0.07
N PHE A 806 -22.78 -13.97 -0.55
CA PHE A 806 -21.71 -13.08 -0.14
C PHE A 806 -21.16 -12.34 -1.36
N PRO A 807 -21.14 -11.01 -1.35
CA PRO A 807 -20.55 -10.28 -2.47
C PRO A 807 -19.06 -10.53 -2.56
N GLU A 808 -18.53 -10.43 -3.77
CA GLU A 808 -17.09 -10.60 -3.99
C GLU A 808 -16.33 -9.47 -3.31
N THR A 809 -15.12 -9.78 -2.86
CA THR A 809 -14.30 -8.84 -2.11
C THR A 809 -12.88 -8.84 -2.67
N VAL A 810 -12.12 -7.82 -2.30
CA VAL A 810 -10.73 -7.67 -2.71
C VAL A 810 -9.84 -8.03 -1.54
N ASP A 811 -8.99 -9.03 -1.74
CA ASP A 811 -8.05 -9.48 -0.71
C ASP A 811 -6.66 -8.90 -0.91
N GLU A 812 -6.48 -7.95 -1.81
CA GLU A 812 -5.16 -7.40 -2.10
C GLU A 812 -4.63 -6.59 -0.91
N ILE A 813 -3.36 -6.80 -0.60
CA ILE A 813 -2.69 -6.03 0.45
C ILE A 813 -1.20 -6.07 0.15
N LEU A 814 -0.50 -5.00 0.52
CA LEU A 814 0.92 -4.86 0.23
C LEU A 814 1.70 -4.88 1.53
N ASP A 815 2.75 -5.69 1.58
CA ASP A 815 3.61 -5.81 2.75
C ASP A 815 4.96 -5.15 2.43
N VAL A 816 5.03 -3.84 2.68
CA VAL A 816 6.26 -3.08 2.43
C VAL A 816 6.82 -2.44 3.69
N SER A 817 6.11 -2.51 4.82
CA SER A 817 6.60 -1.90 6.05
C SER A 817 7.61 -2.82 6.73
N GLU A 818 8.55 -2.20 7.45
CA GLU A 818 9.59 -2.89 8.20
C GLU A 818 10.40 -3.85 7.33
#